data_2CKP
#
_entry.id   2CKP
#
_cell.length_a   52.271
_cell.length_b   127.137
_cell.length_c   158.742
_cell.angle_alpha   90.00
_cell.angle_beta   90.00
_cell.angle_gamma   90.00
#
_symmetry.space_group_name_H-M   'P 21 21 21'
#
loop_
_entity.id
_entity.type
_entity.pdbx_description
1 polymer 'CHOLINE KINASE ALPHA'
2 non-polymer "ADENOSINE-5'-DIPHOSPHATE"
3 water water
#
_entity_poly.entity_id   1
_entity_poly.type   'polypeptide(L)'
_entity_poly.pdbx_seq_one_letter_code
;GQQPPLALPPPPPLPLPLPLPQPPPPQPPADEQPEPRTRRRAYLWCKEFLPGAWRGLREDEFHISVIRGGLSNMLFQCSL
PDTTATLGDEPRKVLLRLYGAILQVGAEAMVLESVMFAILAERSLGPKLYGIFPQGRLEQFIPSRRLDTEELSLPDISAE
IAEKMATFHGMKMPFNKEPKWLFGTMEKYLKEVLRIKFTEESRIKKLHKLLSYNLPLELENLRSLLESTPSPVVFCHNDC
QEGNILLLEGRENSEKQKLMLIDFEYSSYNYRGFDIGNHFCEWMYDYSYEKYPFFRANIRKYPTKKQQLHFISSYLPAFQ
NDFENLSTEEKSIIKEEMLLEVNRFALASHFLWGLWSIVQAKISSIEFGYMDYAQARFDAYFHQKRKLGV
;
_entity_poly.pdbx_strand_id   A,B
#
loop_
_chem_comp.id
_chem_comp.type
_chem_comp.name
_chem_comp.formula
ADP non-polymer ADENOSINE-5'-DIPHOSPHATE 'C10 H15 N5 O10 P2'
#
# COMPACT_ATOMS: atom_id res chain seq x y z
N ARG A 37 8.47 -21.55 23.72
CA ARG A 37 9.06 -21.66 22.36
C ARG A 37 9.04 -20.33 21.60
N THR A 38 10.21 -19.96 21.07
CA THR A 38 10.42 -18.69 20.33
C THR A 38 9.49 -18.45 19.11
N ARG A 39 9.14 -19.53 18.40
CA ARG A 39 8.31 -19.45 17.18
C ARG A 39 6.83 -19.20 17.47
N ARG A 40 6.55 -18.58 18.62
CA ARG A 40 5.22 -18.66 19.26
C ARG A 40 4.03 -18.50 18.28
N ARG A 41 3.97 -17.36 17.60
CA ARG A 41 2.97 -17.14 16.56
C ARG A 41 3.51 -17.72 15.26
N ALA A 42 4.39 -16.94 14.61
CA ALA A 42 5.18 -17.32 13.43
C ALA A 42 4.56 -18.35 12.49
N TYR A 43 4.61 -19.63 12.89
CA TYR A 43 4.03 -20.75 12.12
C TYR A 43 2.63 -20.42 11.61
N LEU A 44 1.82 -19.78 12.45
CA LEU A 44 0.42 -19.47 12.16
C LEU A 44 0.23 -18.54 10.98
N TRP A 45 1.14 -17.59 10.82
CA TRP A 45 1.12 -16.71 9.67
C TRP A 45 1.60 -17.40 8.40
N CYS A 46 2.75 -18.07 8.48
CA CYS A 46 3.35 -18.71 7.32
C CYS A 46 2.50 -19.82 6.72
N LYS A 47 1.76 -20.54 7.56
CA LYS A 47 0.85 -21.57 7.09
C LYS A 47 -0.35 -20.96 6.39
N GLU A 48 -0.80 -19.81 6.90
CA GLU A 48 -2.08 -19.20 6.49
C GLU A 48 -2.04 -18.26 5.28
N PHE A 49 -0.88 -17.65 5.05
CA PHE A 49 -0.76 -16.65 4.00
C PHE A 49 -0.03 -17.17 2.78
N LEU A 50 0.92 -18.07 3.01
CA LEU A 50 1.75 -18.60 1.94
C LEU A 50 1.12 -19.87 1.38
N PRO A 51 0.82 -19.90 0.07
CA PRO A 51 0.14 -21.07 -0.50
C PRO A 51 1.09 -22.22 -0.88
N GLY A 52 0.51 -23.32 -1.38
CA GLY A 52 1.27 -24.48 -1.85
C GLY A 52 1.69 -25.43 -0.75
N ALA A 53 3.00 -25.58 -0.56
CA ALA A 53 3.56 -26.45 0.47
C ALA A 53 3.22 -25.96 1.87
N TRP A 54 3.22 -24.64 2.07
CA TRP A 54 2.87 -24.05 3.36
C TRP A 54 1.42 -24.30 3.77
N ARG A 55 0.58 -24.65 2.79
CA ARG A 55 -0.86 -24.79 3.01
C ARG A 55 -1.21 -25.87 4.03
N GLY A 56 -0.66 -27.07 3.85
CA GLY A 56 -0.86 -28.18 4.77
C GLY A 56 0.22 -28.29 5.84
N LEU A 57 1.48 -28.08 5.44
CA LEU A 57 2.69 -28.30 6.26
C LEU A 57 2.52 -28.25 7.78
N ARG A 58 2.80 -29.37 8.44
CA ARG A 58 2.62 -29.52 9.89
C ARG A 58 3.66 -28.75 10.73
N GLU A 59 3.30 -28.48 11.99
CA GLU A 59 4.10 -27.64 12.90
C GLU A 59 5.45 -28.21 13.29
N ASP A 60 5.53 -29.54 13.38
CA ASP A 60 6.76 -30.26 13.75
C ASP A 60 7.93 -29.97 12.81
N GLU A 61 7.62 -29.40 11.65
CA GLU A 61 8.59 -29.14 10.59
C GLU A 61 8.58 -27.67 10.13
N PHE A 62 8.30 -26.76 11.07
CA PHE A 62 8.38 -25.31 10.79
C PHE A 62 9.73 -24.76 11.24
N HIS A 63 10.59 -24.46 10.27
CA HIS A 63 11.94 -23.98 10.57
C HIS A 63 12.12 -22.46 10.40
N ILE A 64 12.35 -21.78 11.53
CA ILE A 64 12.53 -20.33 11.58
C ILE A 64 13.85 -19.96 12.26
N SER A 65 14.52 -18.93 11.74
CA SER A 65 15.77 -18.44 12.30
C SER A 65 15.71 -16.92 12.44
N VAL A 66 16.13 -16.40 13.59
CA VAL A 66 16.19 -14.96 13.83
C VAL A 66 17.30 -14.32 13.00
N ILE A 67 17.09 -13.09 12.52
CA ILE A 67 18.07 -12.37 11.70
C ILE A 67 18.41 -11.01 12.32
N ARG A 68 17.36 -10.25 12.63
CA ARG A 68 17.46 -9.03 13.43
C ARG A 68 16.45 -9.13 14.58
N GLY A 69 16.90 -8.79 15.78
CA GLY A 69 16.06 -8.81 16.98
C GLY A 69 15.85 -7.44 17.60
N GLY A 70 14.87 -6.71 17.06
CA GLY A 70 14.57 -5.33 17.48
C GLY A 70 13.32 -5.18 18.35
N LEU A 71 13.14 -3.97 18.87
CA LEU A 71 12.00 -3.63 19.72
C LEU A 71 10.83 -3.01 18.92
N SER A 72 11.12 -2.65 17.67
CA SER A 72 10.07 -2.16 16.75
C SER A 72 10.25 -2.67 15.30
N ASN A 73 11.15 -3.63 15.10
CA ASN A 73 11.25 -4.46 13.89
C ASN A 73 12.11 -5.72 14.11
N MET A 74 11.45 -6.83 14.43
CA MET A 74 12.09 -8.15 14.50
C MET A 74 12.11 -8.84 13.13
N LEU A 75 13.24 -9.44 12.76
CA LEU A 75 13.33 -10.14 11.47
C LEU A 75 13.55 -11.65 11.62
N PHE A 76 13.01 -12.42 10.66
CA PHE A 76 12.98 -13.89 10.75
C PHE A 76 13.10 -14.58 9.39
N GLN A 77 13.85 -15.68 9.36
CA GLN A 77 14.13 -16.43 8.12
C GLN A 77 13.39 -17.77 8.04
N CYS A 78 12.05 -17.70 8.03
CA CYS A 78 11.20 -18.89 7.99
C CYS A 78 11.30 -19.63 6.66
N SER A 79 11.45 -20.95 6.72
CA SER A 79 11.58 -21.79 5.52
C SER A 79 11.04 -23.22 5.70
N LEU A 80 11.18 -24.04 4.66
CA LEU A 80 10.45 -25.32 4.53
C LEU A 80 11.26 -26.63 4.53
N PRO A 81 12.44 -26.67 3.85
CA PRO A 81 13.16 -27.93 3.53
C PRO A 81 12.79 -29.13 4.39
N PRO A 91 7.68 -20.60 -3.31
CA PRO A 91 8.40 -19.71 -2.39
C PRO A 91 8.90 -20.47 -1.15
N ARG A 92 10.17 -20.87 -1.17
CA ARG A 92 10.74 -21.79 -0.16
C ARG A 92 11.12 -21.14 1.19
N LYS A 93 11.58 -19.89 1.13
CA LYS A 93 11.91 -19.09 2.32
C LYS A 93 11.23 -17.72 2.24
N VAL A 94 10.83 -17.19 3.40
CA VAL A 94 10.18 -15.88 3.50
C VAL A 94 10.72 -15.08 4.68
N LEU A 95 10.67 -13.75 4.57
CA LEU A 95 11.18 -12.88 5.64
C LEU A 95 10.04 -12.35 6.49
N LEU A 96 9.96 -12.79 7.74
CA LEU A 96 8.93 -12.29 8.65
C LEU A 96 9.41 -11.02 9.36
N ARG A 97 8.63 -9.95 9.23
CA ARG A 97 9.01 -8.66 9.80
C ARG A 97 7.92 -8.10 10.70
N LEU A 98 8.01 -8.37 11.99
CA LEU A 98 6.99 -7.93 12.94
C LEU A 98 7.37 -6.65 13.71
N TYR A 99 6.33 -5.92 14.12
CA TYR A 99 6.42 -4.62 14.84
C TYR A 99 6.71 -3.46 13.90
N ALA A 109 -0.10 7.12 11.99
CA ALA A 109 -1.08 7.54 11.00
C ALA A 109 -0.76 6.85 9.67
N MET A 110 0.13 5.88 9.75
CA MET A 110 0.97 5.55 8.60
C MET A 110 0.60 4.34 7.72
N VAL A 111 -0.07 4.67 6.62
CA VAL A 111 -0.37 3.77 5.50
C VAL A 111 0.72 3.87 4.45
N LEU A 112 1.50 4.95 4.51
CA LEU A 112 2.56 5.27 3.55
C LEU A 112 3.48 4.06 3.32
N GLU A 113 4.30 3.73 4.30
CA GLU A 113 5.33 2.68 4.16
C GLU A 113 4.77 1.27 4.23
N SER A 114 3.67 1.07 3.50
CA SER A 114 3.06 -0.24 3.35
C SER A 114 2.24 -0.22 2.07
N VAL A 115 1.73 0.95 1.69
CA VAL A 115 1.24 1.14 0.33
C VAL A 115 2.46 1.30 -0.59
N MET A 116 3.49 1.95 -0.08
CA MET A 116 4.75 2.08 -0.80
C MET A 116 5.37 0.72 -1.11
N PHE A 117 5.56 -0.08 -0.07
CA PHE A 117 6.23 -1.37 -0.16
C PHE A 117 5.52 -2.27 -1.16
N ALA A 118 4.20 -2.29 -1.05
CA ALA A 118 3.33 -3.01 -1.99
C ALA A 118 3.66 -2.63 -3.42
N ILE A 119 3.49 -1.35 -3.73
CA ILE A 119 3.70 -0.84 -5.08
C ILE A 119 5.09 -1.19 -5.65
N LEU A 120 6.14 -1.08 -4.85
CA LEU A 120 7.47 -1.43 -5.36
C LEU A 120 7.61 -2.91 -5.60
N ALA A 121 6.77 -3.70 -4.94
CA ALA A 121 6.70 -5.14 -5.13
C ALA A 121 5.97 -5.45 -6.42
N GLU A 122 5.05 -4.56 -6.82
CA GLU A 122 4.39 -4.64 -8.10
C GLU A 122 5.36 -4.33 -9.23
N ARG A 123 6.23 -3.35 -9.01
CA ARG A 123 7.08 -2.84 -10.07
C ARG A 123 8.45 -3.51 -10.14
N SER A 124 8.60 -4.63 -9.44
CA SER A 124 9.87 -5.38 -9.34
C SER A 124 11.10 -4.64 -8.78
N LEU A 125 10.86 -3.52 -8.10
CA LEU A 125 11.91 -2.70 -7.51
C LEU A 125 12.00 -2.85 -5.96
N GLY A 126 11.50 -3.96 -5.46
CA GLY A 126 11.55 -4.26 -4.03
C GLY A 126 11.15 -5.70 -3.85
N PRO A 127 11.34 -6.26 -2.64
CA PRO A 127 10.88 -7.63 -2.44
C PRO A 127 9.37 -7.76 -2.68
N LYS A 128 8.91 -8.97 -2.98
CA LYS A 128 7.49 -9.23 -3.12
C LYS A 128 6.77 -9.15 -1.77
N LEU A 129 5.50 -8.76 -1.80
CA LEU A 129 4.68 -8.79 -0.60
C LEU A 129 3.86 -10.07 -0.56
N TYR A 130 4.33 -11.01 0.25
CA TYR A 130 3.70 -12.30 0.43
C TYR A 130 2.84 -12.34 1.69
N GLY A 131 1.88 -11.44 1.80
CA GLY A 131 1.05 -11.40 3.01
C GLY A 131 1.33 -10.24 3.94
N ILE A 132 0.27 -9.65 4.45
CA ILE A 132 0.33 -8.47 5.31
C ILE A 132 -0.73 -8.57 6.41
N PHE A 133 -0.37 -8.07 7.59
CA PHE A 133 -1.18 -8.22 8.80
C PHE A 133 -0.69 -7.25 9.88
N PRO A 134 -1.58 -6.85 10.81
CA PRO A 134 -1.30 -5.74 11.74
C PRO A 134 -0.21 -6.01 12.78
N GLN A 135 0.78 -6.82 12.43
CA GLN A 135 1.95 -7.02 13.28
C GLN A 135 3.19 -6.82 12.43
N GLY A 136 3.07 -7.23 11.16
CA GLY A 136 4.14 -7.07 10.20
C GLY A 136 3.69 -7.67 8.88
N ARG A 137 4.63 -8.22 8.14
CA ARG A 137 4.32 -8.83 6.84
C ARG A 137 5.20 -10.02 6.59
N LEU A 138 4.76 -10.87 5.68
CA LEU A 138 5.66 -11.86 5.12
C LEU A 138 6.17 -11.28 3.80
N GLU A 139 7.49 -11.26 3.68
CA GLU A 139 8.18 -10.52 2.66
C GLU A 139 9.13 -11.50 2.01
N GLN A 140 9.17 -11.49 0.68
CA GLN A 140 10.13 -12.28 -0.07
C GLN A 140 11.53 -12.20 0.54
N PHE A 141 12.13 -13.36 0.74
CA PHE A 141 13.54 -13.43 1.12
C PHE A 141 14.41 -13.25 -0.12
N ILE A 142 15.38 -12.34 -0.02
CA ILE A 142 16.36 -12.12 -1.08
C ILE A 142 17.71 -12.27 -0.40
N PRO A 143 18.48 -13.32 -0.73
CA PRO A 143 19.82 -13.35 -0.13
C PRO A 143 20.51 -11.99 -0.31
N SER A 144 20.75 -11.31 0.82
CA SER A 144 21.16 -9.91 0.83
C SER A 144 21.70 -9.42 2.18
N ARG A 145 22.26 -8.21 2.16
CA ARG A 145 22.78 -7.59 3.36
C ARG A 145 22.78 -6.06 3.29
N ARG A 146 22.67 -5.43 4.46
CA ARG A 146 22.83 -3.99 4.54
C ARG A 146 24.23 -3.71 4.00
N LEU A 147 24.42 -2.59 3.32
CA LEU A 147 25.77 -2.31 2.84
C LEU A 147 26.38 -1.21 3.69
N ASP A 148 27.60 -1.42 4.16
CA ASP A 148 28.08 -0.61 5.25
C ASP A 148 28.67 0.68 4.75
N THR A 149 28.72 1.67 5.64
CA THR A 149 28.97 3.08 5.32
C THR A 149 30.17 3.30 4.44
N GLU A 150 31.12 2.39 4.51
CA GLU A 150 32.36 2.58 3.81
C GLU A 150 32.24 2.22 2.32
N GLU A 151 31.20 1.48 1.97
CA GLU A 151 30.92 1.08 0.58
C GLU A 151 30.24 2.20 -0.24
N LEU A 152 29.70 3.21 0.43
CA LEU A 152 28.89 4.21 -0.25
C LEU A 152 29.69 5.03 -1.25
N SER A 153 30.96 5.28 -0.94
CA SER A 153 31.84 6.04 -1.84
C SER A 153 32.32 5.26 -3.07
N LEU A 154 32.13 3.95 -3.11
CA LEU A 154 32.53 3.18 -4.29
C LEU A 154 31.82 3.74 -5.53
N PRO A 155 32.52 3.82 -6.68
CA PRO A 155 31.91 4.30 -7.95
C PRO A 155 30.79 3.37 -8.40
N ASP A 156 30.95 2.09 -8.11
CA ASP A 156 30.00 1.12 -8.56
C ASP A 156 28.69 1.46 -7.89
N ILE A 157 28.78 1.57 -6.57
CA ILE A 157 27.60 1.61 -5.72
C ILE A 157 27.00 3.01 -5.71
N SER A 158 27.86 4.02 -5.66
CA SER A 158 27.45 5.41 -5.68
C SER A 158 26.50 5.76 -6.83
N ALA A 159 26.99 5.61 -8.06
CA ALA A 159 26.19 5.79 -9.26
C ALA A 159 24.83 5.10 -9.08
N GLU A 160 24.84 3.79 -8.87
CA GLU A 160 23.58 3.05 -8.72
C GLU A 160 22.59 3.77 -7.81
N ILE A 161 23.03 4.08 -6.59
CA ILE A 161 22.22 4.82 -5.62
C ILE A 161 21.70 6.09 -6.29
N ALA A 162 22.59 6.89 -6.89
CA ALA A 162 22.18 8.13 -7.53
C ALA A 162 21.05 7.91 -8.51
N GLU A 163 21.16 6.86 -9.33
CA GLU A 163 20.08 6.67 -10.28
C GLU A 163 18.84 6.06 -9.64
N LYS A 164 19.04 5.24 -8.62
CA LYS A 164 17.88 4.67 -7.97
C LYS A 164 17.09 5.76 -7.25
N MET A 165 17.80 6.73 -6.70
CA MET A 165 17.18 7.86 -6.01
C MET A 165 16.49 8.80 -6.99
N ALA A 166 17.04 8.86 -8.21
CA ALA A 166 16.41 9.55 -9.32
C ALA A 166 15.13 8.85 -9.75
N THR A 167 15.14 7.52 -9.75
CA THR A 167 13.98 6.71 -10.12
C THR A 167 12.87 6.91 -9.11
N PHE A 168 13.29 7.07 -7.85
CA PHE A 168 12.39 7.20 -6.73
C PHE A 168 11.74 8.58 -6.85
N HIS A 169 12.56 9.62 -6.97
CA HIS A 169 12.06 10.97 -7.14
C HIS A 169 11.13 11.09 -8.35
N GLY A 170 11.40 10.28 -9.38
CA GLY A 170 10.61 10.31 -10.60
C GLY A 170 9.16 9.97 -10.36
N MET A 171 8.92 9.10 -9.39
CA MET A 171 7.59 8.53 -9.17
C MET A 171 6.54 9.56 -8.84
N LYS A 172 5.30 9.24 -9.20
CA LYS A 172 4.14 10.06 -8.82
C LYS A 172 3.26 9.23 -7.93
N MET A 173 2.95 9.70 -6.74
CA MET A 173 2.28 8.84 -5.77
C MET A 173 1.07 9.39 -4.99
N PRO A 174 0.19 8.49 -4.49
CA PRO A 174 -1.12 8.90 -3.97
C PRO A 174 -1.07 9.45 -2.54
N PHE A 175 -0.03 10.23 -2.24
CA PHE A 175 0.18 10.75 -0.92
C PHE A 175 0.16 12.27 -0.95
N ASN A 176 0.01 12.90 0.22
CA ASN A 176 -0.09 14.37 0.32
C ASN A 176 1.10 15.10 -0.30
N LYS A 177 0.80 16.04 -1.18
CA LYS A 177 1.85 16.73 -1.93
C LYS A 177 2.27 18.07 -1.35
N GLU A 178 1.56 18.51 -0.32
CA GLU A 178 1.88 19.75 0.38
C GLU A 178 3.25 19.53 1.00
N PRO A 179 4.26 20.38 0.62
CA PRO A 179 5.63 20.26 1.12
C PRO A 179 5.71 20.75 2.56
N LYS A 180 5.09 19.98 3.46
CA LYS A 180 4.98 20.30 4.88
C LYS A 180 6.10 19.65 5.70
N TRP A 181 6.36 18.38 5.42
CA TRP A 181 7.24 17.48 6.18
C TRP A 181 8.50 18.07 6.79
N LEU A 182 9.24 18.89 6.04
CA LEU A 182 10.57 19.34 6.48
C LEU A 182 10.56 20.37 7.62
N PHE A 183 9.93 21.52 7.39
CA PHE A 183 9.90 22.59 8.40
C PHE A 183 8.71 22.47 9.35
N GLY A 184 7.79 21.56 9.02
CA GLY A 184 6.65 21.26 9.87
C GLY A 184 7.10 20.35 11.00
N THR A 185 7.91 19.37 10.64
CA THR A 185 8.52 18.46 11.61
C THR A 185 9.56 19.20 12.46
N MET A 186 10.50 19.88 11.81
CA MET A 186 11.51 20.66 12.52
C MET A 186 10.95 21.68 13.52
N GLU A 187 9.91 22.41 13.12
CA GLU A 187 9.21 23.36 14.00
C GLU A 187 8.54 22.65 15.21
N LYS A 188 7.89 21.52 14.95
CA LYS A 188 7.32 20.71 16.03
C LYS A 188 8.37 20.23 17.04
N TYR A 189 9.54 19.79 16.56
CA TYR A 189 10.58 19.27 17.43
C TYR A 189 11.28 20.35 18.25
N LEU A 190 11.51 21.50 17.62
CA LEU A 190 12.15 22.63 18.29
C LEU A 190 11.27 23.04 19.45
N LYS A 191 9.97 23.19 19.19
CA LYS A 191 9.01 23.47 20.25
C LYS A 191 9.12 22.42 21.34
N GLU A 192 8.89 21.15 20.99
CA GLU A 192 9.03 20.02 21.91
C GLU A 192 10.29 20.09 22.77
N VAL A 193 11.45 20.29 22.15
CA VAL A 193 12.70 20.45 22.91
C VAL A 193 12.56 21.44 24.07
N LEU A 194 11.89 22.56 23.83
CA LEU A 194 11.83 23.65 24.81
C LEU A 194 10.72 23.44 25.84
N SER A 202 23.83 15.35 33.84
CA SER A 202 24.79 15.18 32.73
C SER A 202 24.12 15.29 31.36
N ARG A 203 22.90 14.75 31.28
CA ARG A 203 21.96 15.07 30.20
C ARG A 203 21.53 16.54 30.33
N ILE A 204 20.89 16.89 31.46
CA ILE A 204 20.51 18.29 31.78
C ILE A 204 21.63 19.23 31.34
N LYS A 205 22.86 18.85 31.69
CA LYS A 205 24.04 19.58 31.27
C LYS A 205 24.15 19.64 29.74
N LYS A 206 24.28 18.49 29.09
CA LYS A 206 24.52 18.37 27.63
C LYS A 206 23.52 19.10 26.73
N LEU A 207 22.24 19.11 27.15
CA LEU A 207 21.17 19.81 26.46
C LEU A 207 21.42 21.32 26.40
N HIS A 208 21.90 21.87 27.51
CA HIS A 208 22.24 23.28 27.56
C HIS A 208 23.26 23.63 26.48
N LYS A 209 24.36 22.88 26.41
CA LYS A 209 25.38 23.13 25.40
C LYS A 209 24.77 23.11 24.00
N LEU A 210 23.78 22.25 23.79
CA LEU A 210 23.08 22.24 22.51
C LEU A 210 22.22 23.49 22.38
N LEU A 211 21.48 23.81 23.43
CA LEU A 211 20.58 24.95 23.41
C LEU A 211 21.30 26.30 23.43
N SER A 212 22.55 26.29 23.90
CA SER A 212 23.35 27.51 23.95
C SER A 212 23.68 28.01 22.55
N TYR A 213 23.57 27.12 21.57
CA TYR A 213 23.73 27.45 20.15
C TYR A 213 22.64 28.37 19.63
N ASN A 214 21.55 28.50 20.38
CA ASN A 214 20.38 29.30 19.99
C ASN A 214 19.58 28.66 18.84
N LEU A 215 18.99 27.51 19.11
CA LEU A 215 18.34 26.73 18.07
C LEU A 215 17.15 27.44 17.41
N PRO A 216 16.27 28.09 18.21
CA PRO A 216 15.13 28.74 17.57
C PRO A 216 15.54 29.73 16.48
N LEU A 217 16.53 30.58 16.77
CA LEU A 217 17.04 31.54 15.79
C LEU A 217 17.57 30.80 14.56
N GLU A 218 18.62 30.01 14.76
CA GLU A 218 19.24 29.29 13.67
C GLU A 218 18.21 28.60 12.77
N LEU A 219 17.13 28.06 13.35
CA LEU A 219 16.07 27.41 12.56
C LEU A 219 15.40 28.35 11.55
N GLU A 220 15.23 29.61 11.91
CA GLU A 220 14.73 30.59 10.96
C GLU A 220 15.84 31.14 10.07
N ASN A 221 17.07 31.11 10.56
CA ASN A 221 18.22 31.46 9.74
C ASN A 221 18.24 30.47 8.56
N LEU A 222 17.83 29.24 8.85
CA LEU A 222 17.80 28.18 7.87
C LEU A 222 16.59 28.34 6.97
N ARG A 223 15.41 28.47 7.56
CA ARG A 223 14.21 28.75 6.79
C ARG A 223 14.50 29.80 5.73
N SER A 224 15.17 30.89 6.14
CA SER A 224 15.65 31.92 5.20
C SER A 224 16.53 31.34 4.07
N LEU A 225 17.59 30.65 4.49
CA LEU A 225 18.59 30.14 3.56
C LEU A 225 17.98 29.17 2.56
N LEU A 226 17.18 28.23 3.05
CA LEU A 226 16.58 27.22 2.16
C LEU A 226 15.42 27.76 1.32
N GLU A 227 14.76 28.81 1.79
CA GLU A 227 13.71 29.46 1.03
C GLU A 227 14.27 30.26 -0.13
N SER A 228 15.55 30.58 -0.06
CA SER A 228 16.24 31.20 -1.18
C SER A 228 16.77 30.15 -2.12
N THR A 229 16.72 28.87 -1.72
CA THR A 229 17.31 27.80 -2.54
C THR A 229 16.22 26.94 -3.18
N PRO A 230 15.87 27.26 -4.45
CA PRO A 230 14.90 26.45 -5.18
C PRO A 230 15.29 24.99 -5.17
N SER A 231 14.30 24.13 -4.97
CA SER A 231 14.49 22.68 -5.00
C SER A 231 13.18 22.00 -5.40
N PRO A 232 13.17 21.25 -6.51
CA PRO A 232 11.90 20.66 -6.94
C PRO A 232 11.31 19.76 -5.86
N VAL A 233 9.99 19.71 -5.78
CA VAL A 233 9.28 18.90 -4.80
C VAL A 233 9.02 17.54 -5.44
N VAL A 234 9.59 16.49 -4.85
CA VAL A 234 9.44 15.13 -5.38
C VAL A 234 9.32 14.19 -4.21
N PHE A 235 8.70 13.05 -4.47
CA PHE A 235 8.59 12.03 -3.46
C PHE A 235 9.99 11.55 -3.06
N CYS A 236 10.44 11.97 -1.87
CA CYS A 236 11.75 11.63 -1.35
C CYS A 236 11.72 10.36 -0.46
N HIS A 237 12.86 9.68 -0.31
CA HIS A 237 12.94 8.58 0.65
C HIS A 237 13.15 9.11 2.06
N ASN A 238 13.88 10.23 2.16
CA ASN A 238 14.16 10.94 3.40
C ASN A 238 15.06 10.26 4.44
N ASP A 239 15.40 8.98 4.23
CA ASP A 239 16.28 8.28 5.15
C ASP A 239 17.26 7.38 4.39
N CYS A 240 17.73 7.88 3.26
CA CYS A 240 18.52 7.10 2.34
C CYS A 240 19.97 6.86 2.76
N GLN A 241 20.15 6.21 3.91
CA GLN A 241 21.50 5.84 4.37
C GLN A 241 21.85 4.36 4.22
N GLU A 242 23.11 4.02 4.44
CA GLU A 242 23.65 2.67 4.19
C GLU A 242 22.81 1.48 4.71
N GLY A 243 22.21 1.63 5.88
CA GLY A 243 21.36 0.58 6.43
C GLY A 243 19.96 0.42 5.82
N ASN A 244 19.62 1.28 4.85
CA ASN A 244 18.35 1.16 4.13
C ASN A 244 18.51 0.75 2.69
N ILE A 245 19.76 0.55 2.27
CA ILE A 245 20.11 0.00 0.94
C ILE A 245 20.52 -1.45 1.11
N LEU A 246 19.81 -2.35 0.45
CA LEU A 246 20.21 -3.74 0.41
C LEU A 246 21.19 -3.97 -0.73
N MET A 260 19.20 -2.41 -4.31
CA MET A 260 17.83 -2.26 -3.78
C MET A 260 17.68 -1.34 -2.55
N LEU A 261 16.66 -0.49 -2.59
CA LEU A 261 16.45 0.56 -1.60
C LEU A 261 15.15 0.32 -0.79
N ILE A 262 15.32 0.09 0.50
CA ILE A 262 14.23 -0.40 1.36
C ILE A 262 13.94 0.50 2.55
N ASP A 263 12.81 0.21 3.21
CA ASP A 263 12.39 0.85 4.47
C ASP A 263 11.97 2.30 4.25
N PHE A 264 10.68 2.54 4.24
CA PHE A 264 10.16 3.87 3.94
C PHE A 264 9.44 4.49 5.14
N GLU A 265 9.94 4.20 6.36
CA GLU A 265 9.33 4.73 7.58
C GLU A 265 9.00 6.20 7.36
N TYR A 266 10.02 7.01 7.08
CA TYR A 266 9.85 8.45 6.95
C TYR A 266 9.73 8.96 5.53
N SER A 267 9.20 8.16 4.59
CA SER A 267 9.13 8.63 3.21
C SER A 267 7.93 9.54 2.97
N SER A 268 8.13 10.59 2.17
CA SER A 268 7.07 11.53 1.81
C SER A 268 7.47 12.45 0.64
N TYR A 269 6.54 13.29 0.19
CA TYR A 269 6.88 14.37 -0.73
C TYR A 269 7.68 15.41 0.07
N ASN A 270 8.75 15.92 -0.54
CA ASN A 270 9.73 16.80 0.11
C ASN A 270 10.66 17.39 -0.93
N TYR A 271 11.38 18.45 -0.57
CA TYR A 271 12.45 19.00 -1.39
C TYR A 271 13.51 17.96 -1.75
N ARG A 272 13.68 17.73 -3.06
CA ARG A 272 14.67 16.79 -3.55
C ARG A 272 16.04 17.05 -2.92
N GLY A 273 16.40 18.32 -2.77
CA GLY A 273 17.62 18.74 -2.09
C GLY A 273 17.90 17.97 -0.80
N PHE A 274 16.87 17.87 0.05
CA PHE A 274 17.03 17.16 1.31
C PHE A 274 17.42 15.71 1.07
N ASP A 275 16.81 15.04 0.11
CA ASP A 275 17.06 13.60 -0.06
C ASP A 275 18.52 13.37 -0.32
N ILE A 276 19.07 14.14 -1.25
CA ILE A 276 20.48 14.00 -1.65
C ILE A 276 21.43 14.41 -0.51
N GLY A 277 21.46 15.69 -0.17
CA GLY A 277 22.22 16.18 0.97
C GLY A 277 22.20 15.31 2.22
N ASN A 278 21.04 14.75 2.56
CA ASN A 278 20.93 13.78 3.65
C ASN A 278 21.69 12.50 3.31
N HIS A 279 21.68 12.10 2.05
CA HIS A 279 22.52 11.00 1.64
C HIS A 279 24.02 11.31 1.76
N PHE A 280 24.42 12.52 1.41
CA PHE A 280 25.81 12.92 1.55
C PHE A 280 26.22 12.95 3.02
N CYS A 281 25.49 13.71 3.84
CA CYS A 281 25.68 13.69 5.29
C CYS A 281 25.93 12.26 5.77
N GLU A 282 25.29 11.27 5.14
CA GLU A 282 25.29 9.90 5.62
C GLU A 282 26.60 9.13 5.39
N TRP A 283 27.49 9.71 4.60
CA TRP A 283 28.85 9.16 4.46
C TRP A 283 29.66 9.30 5.74
N MET A 284 29.17 10.15 6.64
CA MET A 284 29.91 10.51 7.82
C MET A 284 29.62 9.63 9.02
N TYR A 285 28.42 9.05 9.04
CA TYR A 285 27.94 8.37 10.22
C TYR A 285 27.77 6.90 9.97
N ASP A 286 28.32 6.10 10.87
CA ASP A 286 28.15 4.66 10.91
C ASP A 286 27.46 4.26 12.21
N TYR A 287 26.30 3.57 12.08
CA TYR A 287 25.52 3.09 13.22
C TYR A 287 25.64 1.60 13.50
N SER A 288 26.57 0.91 12.84
CA SER A 288 26.68 -0.53 13.08
C SER A 288 27.36 -0.74 14.46
N TYR A 289 26.59 -0.58 15.55
CA TYR A 289 27.27 -0.57 16.86
C TYR A 289 26.64 -1.08 18.16
N GLU A 290 27.45 -1.79 18.93
CA GLU A 290 27.00 -2.44 20.14
C GLU A 290 27.60 -1.85 21.43
N LYS A 291 28.61 -0.99 21.31
CA LYS A 291 29.12 -0.22 22.44
C LYS A 291 28.57 1.21 22.36
N TYR A 292 28.16 1.78 23.49
CA TYR A 292 27.79 3.21 23.57
C TYR A 292 28.92 4.08 22.99
N PRO A 293 28.59 5.16 22.26
CA PRO A 293 27.32 5.79 21.88
C PRO A 293 26.57 5.08 20.77
N PHE A 294 27.11 3.96 20.30
CA PHE A 294 26.48 3.14 19.25
C PHE A 294 26.60 3.74 17.87
N PHE A 295 27.41 4.78 17.72
CA PHE A 295 27.67 5.36 16.40
C PHE A 295 29.04 6.01 16.35
N ARG A 296 29.54 6.24 15.14
CA ARG A 296 30.81 6.89 14.89
C ARG A 296 30.62 7.96 13.82
N ALA A 297 31.26 9.12 14.00
CA ALA A 297 31.16 10.21 13.04
C ALA A 297 32.53 10.58 12.53
N ASN A 298 32.65 10.69 11.21
CA ASN A 298 33.89 11.11 10.59
C ASN A 298 33.61 12.28 9.64
N ILE A 299 33.73 13.52 10.13
CA ILE A 299 33.41 14.69 9.28
C ILE A 299 34.31 14.76 8.03
N ARG A 300 35.50 14.14 8.15
CA ARG A 300 36.47 14.10 7.04
C ARG A 300 36.09 13.00 6.02
N LYS A 301 34.79 12.75 5.85
CA LYS A 301 34.33 11.58 5.09
C LYS A 301 33.12 11.91 4.20
N TYR A 302 32.63 13.13 4.33
CA TYR A 302 31.68 13.74 3.44
C TYR A 302 32.22 13.73 2.03
N PRO A 303 31.36 13.44 1.04
CA PRO A 303 31.85 13.43 -0.36
C PRO A 303 32.65 14.69 -0.74
N THR A 304 33.76 14.50 -1.44
CA THR A 304 34.51 15.62 -2.04
C THR A 304 33.75 16.23 -3.20
N LYS A 305 34.21 17.37 -3.72
CA LYS A 305 33.53 18.02 -4.85
C LYS A 305 33.42 17.08 -6.06
N LYS A 306 34.57 16.53 -6.49
CA LYS A 306 34.59 15.59 -7.61
C LYS A 306 33.56 14.47 -7.36
N GLN A 307 33.55 13.98 -6.12
CA GLN A 307 32.63 12.89 -5.72
C GLN A 307 31.17 13.30 -5.84
N GLN A 308 30.83 14.43 -5.23
CA GLN A 308 29.50 14.97 -5.34
C GLN A 308 29.08 15.08 -6.79
N LEU A 309 29.85 15.82 -7.58
CA LEU A 309 29.53 15.97 -8.98
C LEU A 309 29.17 14.63 -9.59
N HIS A 310 30.00 13.63 -9.33
CA HIS A 310 29.83 12.35 -9.96
C HIS A 310 28.52 11.67 -9.58
N PHE A 311 28.08 11.89 -8.35
CA PHE A 311 26.78 11.41 -7.92
C PHE A 311 25.73 12.11 -8.78
N ILE A 312 25.68 13.45 -8.68
CA ILE A 312 24.80 14.27 -9.50
C ILE A 312 24.78 13.85 -10.99
N SER A 313 25.93 13.51 -11.56
CA SER A 313 25.98 13.18 -12.98
C SER A 313 25.60 11.74 -13.29
N SER A 314 25.35 10.94 -12.27
CA SER A 314 24.74 9.63 -12.52
C SER A 314 23.26 9.84 -12.28
N TYR A 315 22.96 10.87 -11.50
CA TYR A 315 21.60 11.18 -11.08
C TYR A 315 20.77 11.90 -12.15
N LEU A 316 21.29 13.02 -12.67
CA LEU A 316 20.59 13.84 -13.66
C LEU A 316 20.11 13.05 -14.89
N PRO A 317 21.01 12.28 -15.56
CA PRO A 317 20.53 11.57 -16.75
C PRO A 317 19.48 10.52 -16.44
N ALA A 318 19.38 10.09 -15.19
CA ALA A 318 18.39 9.08 -14.77
C ALA A 318 17.07 9.71 -14.35
N PHE A 319 17.06 11.05 -14.27
CA PHE A 319 15.94 11.81 -13.74
C PHE A 319 15.35 12.72 -14.79
N GLN A 320 16.18 13.29 -15.67
CA GLN A 320 15.70 14.12 -16.77
C GLN A 320 16.02 13.46 -18.10
N ASN A 321 15.00 13.00 -18.79
CA ASN A 321 15.21 12.44 -20.12
C ASN A 321 15.88 13.46 -21.05
N ASP A 322 15.42 14.70 -21.05
CA ASP A 322 16.06 15.76 -21.84
C ASP A 322 17.58 16.00 -21.56
N PHE A 323 18.04 15.62 -20.38
CA PHE A 323 19.35 16.08 -19.88
C PHE A 323 20.53 15.83 -20.80
N GLU A 324 20.63 14.59 -21.31
CA GLU A 324 21.85 14.16 -22.04
C GLU A 324 22.18 14.94 -23.29
N ASN A 325 21.18 15.58 -23.89
CA ASN A 325 21.35 16.40 -25.10
C ASN A 325 21.44 17.91 -24.89
N LEU A 326 21.54 18.34 -23.63
CA LEU A 326 21.81 19.74 -23.30
C LEU A 326 23.26 20.09 -23.65
N SER A 327 23.48 21.37 -23.94
CA SER A 327 24.81 21.90 -24.16
C SER A 327 25.59 21.79 -22.87
N THR A 328 26.88 22.09 -22.94
CA THR A 328 27.70 21.91 -21.75
C THR A 328 27.55 23.12 -20.82
N GLU A 329 27.17 24.28 -21.37
CA GLU A 329 26.84 25.43 -20.54
C GLU A 329 25.54 25.19 -19.77
N GLU A 330 24.53 24.64 -20.44
CA GLU A 330 23.31 24.21 -19.75
C GLU A 330 23.62 23.16 -18.67
N LYS A 331 24.38 22.12 -19.03
CA LYS A 331 24.71 21.00 -18.15
C LYS A 331 25.47 21.49 -16.94
N SER A 332 26.55 22.20 -17.24
CA SER A 332 27.42 22.81 -16.27
C SER A 332 26.67 23.75 -15.34
N ILE A 333 25.81 24.61 -15.90
CA ILE A 333 24.96 25.50 -15.09
C ILE A 333 24.05 24.75 -14.09
N ILE A 334 23.27 23.78 -14.58
CA ILE A 334 22.53 22.88 -13.68
C ILE A 334 23.40 22.35 -12.54
N LYS A 335 24.41 21.55 -12.86
CA LYS A 335 25.24 20.94 -11.83
C LYS A 335 25.79 21.97 -10.87
N GLU A 336 26.22 23.12 -11.39
CA GLU A 336 26.70 24.18 -10.52
C GLU A 336 25.63 24.58 -9.53
N GLU A 337 24.39 24.71 -10.03
CA GLU A 337 23.23 25.09 -9.23
C GLU A 337 22.81 23.95 -8.31
N MET A 338 23.10 22.70 -8.69
CA MET A 338 22.64 21.58 -7.87
C MET A 338 23.60 21.24 -6.74
N LEU A 339 24.87 21.57 -6.93
CA LEU A 339 25.87 21.50 -5.87
C LEU A 339 25.49 22.45 -4.75
N LEU A 340 25.13 23.68 -5.09
CA LEU A 340 24.62 24.63 -4.11
C LEU A 340 23.37 24.10 -3.43
N GLU A 341 22.43 23.59 -4.23
CA GLU A 341 21.19 23.04 -3.72
C GLU A 341 21.43 22.03 -2.62
N VAL A 342 22.00 20.87 -2.99
CA VAL A 342 22.04 19.73 -2.07
C VAL A 342 22.88 20.02 -0.83
N ASN A 343 23.87 20.90 -0.99
CA ASN A 343 24.78 21.25 0.10
C ASN A 343 24.17 22.21 1.11
N ARG A 344 23.28 23.09 0.65
CA ARG A 344 22.54 23.89 1.60
C ARG A 344 21.46 23.03 2.27
N PHE A 345 20.90 22.06 1.54
CA PHE A 345 19.95 21.14 2.17
C PHE A 345 20.59 20.15 3.17
N ALA A 346 21.86 19.81 2.94
CA ALA A 346 22.59 19.00 3.90
C ALA A 346 22.52 19.64 5.30
N LEU A 347 22.52 20.97 5.36
CA LEU A 347 22.32 21.69 6.63
C LEU A 347 21.01 21.29 7.34
N ALA A 348 19.92 21.20 6.56
CA ALA A 348 18.61 20.74 7.04
C ALA A 348 18.69 19.35 7.60
N SER A 349 19.39 18.44 6.91
CA SER A 349 19.62 17.09 7.45
C SER A 349 20.26 17.12 8.84
N HIS A 350 21.18 18.06 9.08
CA HIS A 350 21.83 18.12 10.39
C HIS A 350 20.90 18.64 11.41
N PHE A 351 20.10 19.62 11.02
CA PHE A 351 19.19 20.28 11.94
C PHE A 351 17.97 19.40 12.24
N LEU A 352 17.38 18.80 11.22
CA LEU A 352 16.25 17.89 11.41
C LEU A 352 16.64 16.76 12.35
N TRP A 353 17.69 16.01 11.98
CA TRP A 353 18.13 14.85 12.74
C TRP A 353 18.69 15.20 14.11
N GLY A 354 19.37 16.34 14.18
CA GLY A 354 19.81 16.88 15.46
C GLY A 354 18.62 17.08 16.39
N LEU A 355 17.56 17.70 15.88
CA LEU A 355 16.36 17.89 16.67
C LEU A 355 15.83 16.53 17.02
N TRP A 356 15.61 15.70 16.00
CA TRP A 356 15.01 14.36 16.17
C TRP A 356 15.63 13.56 17.32
N SER A 357 16.95 13.60 17.38
CA SER A 357 17.72 12.81 18.32
C SER A 357 17.45 13.17 19.78
N ILE A 358 17.48 14.47 20.09
CA ILE A 358 17.14 15.02 21.43
C ILE A 358 15.78 14.57 21.91
N VAL A 359 14.76 14.72 21.08
CA VAL A 359 13.45 14.21 21.41
C VAL A 359 13.44 12.69 21.69
N GLN A 360 14.41 11.96 21.14
CA GLN A 360 14.48 10.51 21.36
C GLN A 360 15.17 10.19 22.67
N ALA A 361 16.15 11.00 23.04
CA ALA A 361 16.80 10.84 24.33
C ALA A 361 15.79 10.86 25.49
N LYS A 362 14.54 11.24 25.20
CA LYS A 362 13.49 11.20 26.21
C LYS A 362 12.44 10.12 25.92
N ILE A 363 11.93 10.09 24.69
CA ILE A 363 10.81 9.21 24.35
C ILE A 363 11.24 7.91 23.68
N SER A 364 12.41 7.39 24.04
CA SER A 364 12.96 6.19 23.35
C SER A 364 13.01 4.90 24.15
N SER A 365 12.24 3.93 23.68
CA SER A 365 12.37 2.54 24.13
C SER A 365 13.40 1.75 23.30
N ILE A 366 13.91 2.38 22.23
CA ILE A 366 15.07 1.85 21.48
C ILE A 366 16.37 2.02 22.27
N GLU A 367 17.51 1.80 21.60
CA GLU A 367 18.80 2.04 22.25
C GLU A 367 19.80 2.69 21.30
N PHE A 368 20.45 3.73 21.80
CA PHE A 368 21.32 4.60 21.02
C PHE A 368 21.90 5.64 21.97
N GLY A 369 22.87 6.42 21.49
CA GLY A 369 23.38 7.58 22.22
C GLY A 369 22.83 8.82 21.56
N TYR A 370 21.65 9.24 22.01
CA TYR A 370 20.86 10.26 21.31
C TYR A 370 21.29 11.72 21.49
N MET A 371 21.88 12.05 22.64
CA MET A 371 22.42 13.40 22.87
C MET A 371 23.77 13.56 22.18
N ASP A 372 24.60 12.53 22.30
CA ASP A 372 25.86 12.50 21.61
C ASP A 372 25.58 12.66 20.12
N TYR A 373 24.69 11.82 19.59
CA TYR A 373 24.29 11.91 18.20
C TYR A 373 23.82 13.32 17.86
N ALA A 374 23.03 13.90 18.77
CA ALA A 374 22.59 15.27 18.62
C ALA A 374 23.79 16.20 18.50
N GLN A 375 24.69 16.18 19.48
CA GLN A 375 25.86 17.06 19.43
C GLN A 375 26.65 16.89 18.14
N ALA A 376 26.75 15.65 17.66
CA ALA A 376 27.47 15.36 16.44
C ALA A 376 26.77 16.12 15.32
N ARG A 377 25.46 15.93 15.21
CA ARG A 377 24.69 16.51 14.10
C ARG A 377 24.74 18.03 14.11
N PHE A 378 24.72 18.60 15.30
CA PHE A 378 24.74 20.05 15.39
C PHE A 378 26.08 20.68 15.10
N ASP A 379 27.16 19.96 15.39
CA ASP A 379 28.50 20.56 15.27
C ASP A 379 28.89 20.57 13.83
N ALA A 380 28.54 19.47 13.17
CA ALA A 380 28.54 19.39 11.72
C ALA A 380 27.82 20.60 11.16
N TYR A 381 26.58 20.80 11.57
CA TYR A 381 25.76 21.89 11.05
C TYR A 381 26.45 23.25 11.06
N PHE A 382 27.10 23.59 12.18
CA PHE A 382 27.82 24.85 12.29
C PHE A 382 29.13 24.79 11.54
N HIS A 383 29.77 23.63 11.54
CA HIS A 383 30.93 23.40 10.71
C HIS A 383 30.49 23.60 9.27
N GLN A 384 29.46 22.86 8.86
CA GLN A 384 28.92 22.92 7.50
C GLN A 384 28.76 24.34 7.01
N LYS A 385 28.05 25.19 7.76
CA LYS A 385 27.75 26.53 7.27
C LYS A 385 28.94 27.52 7.28
N ARG A 386 30.00 27.19 8.02
CA ARG A 386 31.26 27.91 7.84
C ARG A 386 31.87 27.59 6.47
N LYS A 387 31.89 26.30 6.10
CA LYS A 387 32.40 25.84 4.81
C LYS A 387 31.71 26.56 3.64
N LEU A 388 30.40 26.71 3.72
CA LEU A 388 29.63 27.40 2.68
C LEU A 388 29.80 28.93 2.71
N GLY A 389 30.05 29.49 3.89
CA GLY A 389 30.31 30.93 4.02
C GLY A 389 29.06 31.79 3.98
N VAL A 390 27.91 31.13 4.04
CA VAL A 390 26.59 31.77 4.01
C VAL A 390 25.55 30.68 4.32
N TYR B 43 -11.60 19.34 -0.46
CA TYR B 43 -10.36 20.12 -0.69
C TYR B 43 -10.36 21.41 0.11
N LEU B 44 -9.37 21.62 0.99
CA LEU B 44 -8.17 20.76 1.23
C LEU B 44 -8.00 19.43 0.48
N TRP B 45 -8.38 18.32 1.11
CA TRP B 45 -8.15 16.95 0.58
C TRP B 45 -7.77 16.82 -0.91
N CYS B 46 -8.63 17.29 -1.82
CA CYS B 46 -8.35 17.31 -3.26
C CYS B 46 -7.10 18.12 -3.63
N LYS B 47 -7.11 19.40 -3.26
CA LYS B 47 -5.97 20.28 -3.57
C LYS B 47 -4.69 19.79 -2.87
N GLU B 48 -4.86 19.01 -1.81
CA GLU B 48 -3.75 18.49 -1.04
C GLU B 48 -3.03 17.38 -1.78
N PHE B 49 -3.78 16.60 -2.56
CA PHE B 49 -3.28 15.35 -3.12
C PHE B 49 -3.11 15.32 -4.62
N LEU B 50 -3.91 16.09 -5.34
CA LEU B 50 -3.93 15.98 -6.79
C LEU B 50 -2.88 16.89 -7.42
N PRO B 51 -2.41 16.54 -8.64
CA PRO B 51 -1.37 17.35 -9.31
C PRO B 51 -1.93 18.41 -10.24
N GLY B 52 -1.08 19.32 -10.71
CA GLY B 52 -1.46 20.39 -11.63
C GLY B 52 -2.31 21.48 -10.99
N ALA B 53 -3.28 21.98 -11.76
CA ALA B 53 -4.15 23.09 -11.35
C ALA B 53 -4.71 22.96 -9.93
N TRP B 54 -4.88 21.72 -9.49
CA TRP B 54 -5.44 21.40 -8.17
C TRP B 54 -4.76 22.09 -6.98
N ARG B 55 -3.43 22.20 -7.03
CA ARG B 55 -2.68 22.93 -6.00
C ARG B 55 -3.02 24.42 -5.99
N GLY B 56 -3.37 24.95 -7.16
CA GLY B 56 -3.72 26.37 -7.28
C GLY B 56 -5.19 26.70 -7.05
N LEU B 57 -6.03 25.68 -6.90
CA LEU B 57 -7.47 25.89 -6.71
C LEU B 57 -7.79 26.43 -5.31
N ARG B 58 -8.99 26.95 -5.15
CA ARG B 58 -9.42 27.57 -3.90
C ARG B 58 -10.87 27.19 -3.60
N GLU B 59 -11.35 27.58 -2.43
CA GLU B 59 -12.78 27.52 -2.16
C GLU B 59 -13.27 28.86 -1.60
N ASP B 60 -14.34 29.42 -2.16
CA ASP B 60 -15.10 28.79 -3.25
C ASP B 60 -14.47 29.00 -4.63
N GLU B 61 -14.38 27.90 -5.38
CA GLU B 61 -13.83 27.85 -6.75
C GLU B 61 -13.84 26.37 -7.15
N PHE B 62 -13.99 25.51 -6.15
CA PHE B 62 -14.19 24.08 -6.36
C PHE B 62 -15.63 23.70 -6.04
N HIS B 63 -16.22 22.83 -6.86
CA HIS B 63 -17.54 22.28 -6.58
C HIS B 63 -17.57 20.76 -6.55
N ILE B 64 -17.91 20.20 -5.39
CA ILE B 64 -18.20 18.77 -5.26
C ILE B 64 -19.69 18.54 -5.57
N SER B 65 -20.12 17.27 -5.52
CA SER B 65 -21.52 16.91 -5.82
C SER B 65 -21.88 15.53 -5.24
N VAL B 66 -22.57 15.53 -4.10
CA VAL B 66 -22.91 14.31 -3.35
C VAL B 66 -23.59 13.24 -4.21
N ILE B 67 -23.34 11.98 -3.89
CA ILE B 67 -23.87 10.86 -4.69
C ILE B 67 -24.31 9.65 -3.83
N ARG B 68 -23.58 9.38 -2.73
CA ARG B 68 -24.07 8.50 -1.65
C ARG B 68 -23.41 8.84 -0.32
N ASN B 73 -20.00 7.43 6.28
CA ASN B 73 -19.58 7.13 4.91
C ASN B 73 -20.34 7.96 3.88
N MET B 74 -19.63 8.38 2.83
CA MET B 74 -20.25 9.06 1.70
C MET B 74 -19.37 9.02 0.44
N LEU B 75 -20.02 9.06 -0.71
CA LEU B 75 -19.33 9.29 -1.97
C LEU B 75 -19.45 10.79 -2.30
N PHE B 76 -18.54 11.29 -3.14
CA PHE B 76 -18.59 12.66 -3.66
C PHE B 76 -18.06 12.72 -5.09
N GLN B 77 -18.24 13.87 -5.73
CA GLN B 77 -17.84 14.06 -7.12
C GLN B 77 -17.19 15.45 -7.35
N CYS B 78 -15.87 15.50 -7.19
CA CYS B 78 -15.13 16.75 -7.29
C CYS B 78 -14.55 16.96 -8.68
N SER B 79 -14.63 18.19 -9.17
CA SER B 79 -14.13 18.53 -10.50
C SER B 79 -13.53 19.94 -10.51
N LEU B 80 -12.63 20.19 -11.47
CA LEU B 80 -12.09 21.52 -11.70
C LEU B 80 -13.18 22.55 -12.09
N PRO B 81 -12.88 23.82 -11.86
CA PRO B 81 -13.77 24.92 -12.22
C PRO B 81 -13.84 25.13 -13.73
N LYS B 93 -12.21 15.55 -13.31
CA LYS B 93 -13.09 15.15 -12.21
C LYS B 93 -12.56 13.93 -11.47
N VAL B 94 -12.84 13.88 -10.16
CA VAL B 94 -12.42 12.77 -9.29
C VAL B 94 -13.52 12.35 -8.31
N LEU B 95 -13.42 11.12 -7.83
CA LEU B 95 -14.31 10.61 -6.80
C LEU B 95 -13.68 10.78 -5.43
N LEU B 96 -14.40 11.40 -4.51
CA LEU B 96 -13.94 11.49 -3.12
C LEU B 96 -14.73 10.50 -2.29
N ARG B 97 -14.03 9.57 -1.65
CA ARG B 97 -14.68 8.58 -0.76
C ARG B 97 -14.25 8.79 0.66
N LEU B 98 -15.13 9.39 1.47
CA LEU B 98 -14.85 9.55 2.90
C LEU B 98 -15.79 8.66 3.72
N MET B 110 -8.10 -0.09 7.19
CA MET B 110 -7.38 1.16 7.10
C MET B 110 -6.16 0.97 6.22
N VAL B 111 -5.03 0.62 6.82
CA VAL B 111 -3.84 0.23 6.06
C VAL B 111 -4.13 -0.94 5.12
N LEU B 112 -4.81 -1.96 5.65
CA LEU B 112 -5.05 -3.22 4.92
C LEU B 112 -5.90 -3.08 3.66
N GLU B 113 -6.88 -2.18 3.71
CA GLU B 113 -7.71 -1.88 2.55
C GLU B 113 -6.98 -0.96 1.57
N SER B 114 -6.15 -0.07 2.11
CA SER B 114 -5.31 0.81 1.31
C SER B 114 -4.29 0.03 0.50
N VAL B 115 -3.61 -0.91 1.17
CA VAL B 115 -2.70 -1.80 0.49
C VAL B 115 -3.46 -2.49 -0.63
N MET B 116 -4.68 -2.94 -0.33
CA MET B 116 -5.51 -3.63 -1.30
C MET B 116 -5.86 -2.75 -2.49
N PHE B 117 -6.53 -1.63 -2.22
CA PHE B 117 -6.97 -0.72 -3.28
C PHE B 117 -5.84 -0.36 -4.23
N ALA B 118 -4.64 -0.17 -3.68
CA ALA B 118 -3.48 0.26 -4.46
C ALA B 118 -2.91 -0.82 -5.36
N ILE B 119 -2.78 -2.05 -4.85
CA ILE B 119 -2.30 -3.19 -5.63
C ILE B 119 -3.21 -3.45 -6.83
N LEU B 120 -4.52 -3.49 -6.57
CA LEU B 120 -5.53 -3.59 -7.62
C LEU B 120 -5.35 -2.43 -8.61
N ALA B 121 -5.20 -1.21 -8.09
CA ALA B 121 -4.93 -0.03 -8.93
C ALA B 121 -3.71 -0.24 -9.80
N GLU B 122 -2.67 -0.82 -9.19
CA GLU B 122 -1.40 -1.02 -9.83
C GLU B 122 -1.47 -2.04 -10.95
N ARG B 123 -2.39 -3.00 -10.82
CA ARG B 123 -2.59 -4.01 -11.87
C ARG B 123 -3.56 -3.54 -12.97
N SER B 124 -3.74 -2.22 -13.02
CA SER B 124 -4.62 -1.54 -13.98
C SER B 124 -5.93 -2.24 -14.18
N LEU B 125 -6.40 -2.95 -13.15
CA LEU B 125 -7.74 -3.49 -13.16
C LEU B 125 -8.55 -2.92 -11.98
N GLY B 126 -8.70 -1.60 -12.04
CA GLY B 126 -9.50 -0.80 -11.11
C GLY B 126 -9.44 0.66 -11.58
N PRO B 127 -10.24 1.55 -10.98
CA PRO B 127 -10.01 2.97 -11.26
C PRO B 127 -8.62 3.41 -10.77
N LYS B 128 -8.08 4.44 -11.39
CA LYS B 128 -6.78 5.00 -11.01
C LYS B 128 -6.88 5.55 -9.59
N LEU B 129 -5.79 5.42 -8.83
CA LEU B 129 -5.77 5.88 -7.44
C LEU B 129 -4.84 7.08 -7.25
N TYR B 130 -5.43 8.23 -6.95
CA TYR B 130 -4.70 9.49 -6.85
C TYR B 130 -4.34 9.89 -5.43
N GLY B 131 -5.23 9.60 -4.47
CA GLY B 131 -4.97 9.90 -3.07
C GLY B 131 -5.47 8.80 -2.16
N ILE B 132 -4.69 8.47 -1.14
CA ILE B 132 -5.13 7.53 -0.10
C ILE B 132 -4.54 7.93 1.25
N PHE B 133 -5.43 8.05 2.23
CA PHE B 133 -5.10 8.61 3.54
C PHE B 133 -6.10 8.01 4.51
N PRO B 134 -5.80 8.01 5.83
CA PRO B 134 -6.66 7.34 6.84
C PRO B 134 -8.19 7.27 6.58
N GLN B 135 -8.90 8.39 6.68
CA GLN B 135 -10.37 8.35 6.54
C GLN B 135 -10.88 8.51 5.10
N GLY B 136 -10.19 7.92 4.12
CA GLY B 136 -10.63 8.06 2.73
C GLY B 136 -9.63 8.00 1.57
N ARG B 137 -10.12 8.35 0.38
CA ARG B 137 -9.47 8.00 -0.88
C ARG B 137 -9.95 8.90 -2.02
N LEU B 138 -9.10 9.07 -3.04
CA LEU B 138 -9.43 9.85 -4.24
C LEU B 138 -9.14 9.04 -5.47
N GLU B 139 -10.17 8.85 -6.29
CA GLU B 139 -10.13 7.93 -7.41
C GLU B 139 -10.38 8.54 -8.80
N GLN B 140 -9.97 7.80 -9.82
CA GLN B 140 -10.32 8.09 -11.22
C GLN B 140 -11.82 8.19 -11.32
N PHE B 141 -12.32 9.23 -11.99
CA PHE B 141 -13.75 9.32 -12.27
C PHE B 141 -13.99 8.73 -13.63
N ILE B 142 -14.76 7.65 -13.68
CA ILE B 142 -14.81 6.81 -14.87
C ILE B 142 -16.16 6.91 -15.61
N PRO B 143 -16.19 7.73 -16.70
CA PRO B 143 -17.44 8.18 -17.34
C PRO B 143 -18.29 7.02 -17.88
N SER B 144 -19.44 6.82 -17.22
CA SER B 144 -20.26 5.64 -17.43
C SER B 144 -21.50 5.70 -16.56
N ARG B 145 -22.50 4.92 -16.96
CA ARG B 145 -23.63 4.60 -16.10
C ARG B 145 -23.39 3.21 -15.50
N ARG B 146 -24.01 2.96 -14.36
CA ARG B 146 -24.00 1.63 -13.77
C ARG B 146 -25.13 0.81 -14.39
N LEU B 147 -24.92 -0.50 -14.54
CA LEU B 147 -25.97 -1.41 -15.00
C LEU B 147 -27.13 -1.48 -14.01
N ASP B 148 -28.32 -1.78 -14.51
CA ASP B 148 -29.42 -2.14 -13.62
C ASP B 148 -29.72 -3.65 -13.74
N THR B 149 -30.53 -4.15 -12.82
CA THR B 149 -30.70 -5.59 -12.60
C THR B 149 -30.98 -6.36 -13.89
N GLU B 150 -31.95 -5.87 -14.66
CA GLU B 150 -32.46 -6.55 -15.87
C GLU B 150 -31.40 -6.80 -16.94
N GLU B 151 -30.41 -5.91 -17.04
CA GLU B 151 -29.29 -6.06 -17.97
C GLU B 151 -28.43 -7.30 -17.69
N LEU B 152 -28.41 -7.77 -16.44
CA LEU B 152 -27.53 -8.85 -16.03
C LEU B 152 -27.77 -10.17 -16.74
N SER B 153 -29.03 -10.46 -17.04
CA SER B 153 -29.41 -11.69 -17.74
C SER B 153 -28.99 -11.72 -19.21
N LEU B 154 -28.72 -10.54 -19.79
CA LEU B 154 -28.26 -10.42 -21.17
C LEU B 154 -27.05 -11.34 -21.39
N PRO B 155 -27.19 -12.29 -22.32
CA PRO B 155 -26.14 -13.29 -22.58
C PRO B 155 -24.75 -12.69 -22.78
N ASP B 156 -24.68 -11.48 -23.33
CA ASP B 156 -23.42 -10.81 -23.63
C ASP B 156 -22.75 -10.16 -22.42
N ILE B 157 -23.55 -9.48 -21.59
CA ILE B 157 -23.06 -8.92 -20.33
C ILE B 157 -22.64 -10.04 -19.39
N SER B 158 -23.59 -10.92 -19.06
CA SER B 158 -23.35 -12.07 -18.19
C SER B 158 -22.04 -12.77 -18.52
N ALA B 159 -21.74 -12.92 -19.82
CA ALA B 159 -20.52 -13.59 -20.27
C ALA B 159 -19.30 -12.78 -19.91
N GLU B 160 -19.37 -11.47 -20.10
CA GLU B 160 -18.23 -10.61 -19.84
C GLU B 160 -17.94 -10.53 -18.36
N ILE B 161 -18.99 -10.49 -17.56
CA ILE B 161 -18.81 -10.45 -16.12
C ILE B 161 -18.12 -11.75 -15.66
N ALA B 162 -18.43 -12.86 -16.34
CA ALA B 162 -17.81 -14.16 -16.05
C ALA B 162 -16.33 -14.22 -16.40
N GLU B 163 -15.92 -13.51 -17.46
CA GLU B 163 -14.49 -13.44 -17.82
C GLU B 163 -13.73 -12.49 -16.89
N LYS B 164 -14.39 -11.39 -16.52
CA LYS B 164 -13.83 -10.42 -15.59
C LYS B 164 -13.68 -11.06 -14.21
N MET B 165 -14.80 -11.51 -13.63
CA MET B 165 -14.81 -12.14 -12.30
C MET B 165 -13.77 -13.27 -12.17
N ALA B 166 -13.40 -13.86 -13.31
CA ALA B 166 -12.44 -14.94 -13.36
C ALA B 166 -11.00 -14.49 -13.10
N THR B 167 -10.56 -13.41 -13.77
CA THR B 167 -9.21 -12.90 -13.55
C THR B 167 -9.10 -12.40 -12.11
N PHE B 168 -10.03 -11.53 -11.71
CA PHE B 168 -10.14 -11.07 -10.32
C PHE B 168 -9.94 -12.22 -9.33
N HIS B 169 -10.34 -13.42 -9.73
CA HIS B 169 -10.15 -14.60 -8.91
C HIS B 169 -8.72 -15.12 -8.98
N GLY B 170 -8.14 -15.12 -10.18
CA GLY B 170 -6.80 -15.71 -10.41
C GLY B 170 -5.63 -14.83 -9.98
N MET B 171 -5.95 -13.77 -9.23
CA MET B 171 -4.95 -12.87 -8.71
C MET B 171 -4.40 -13.35 -7.37
N LYS B 172 -3.08 -13.26 -7.23
CA LYS B 172 -2.45 -13.43 -5.95
C LYS B 172 -2.61 -12.12 -5.16
N MET B 173 -2.92 -12.25 -3.87
CA MET B 173 -3.12 -11.11 -2.99
C MET B 173 -2.54 -11.44 -1.62
N PRO B 174 -2.01 -10.43 -0.92
CA PRO B 174 -1.26 -10.64 0.31
C PRO B 174 -2.15 -10.81 1.55
N PHE B 175 -3.24 -11.54 1.43
CA PHE B 175 -4.15 -11.67 2.57
C PHE B 175 -4.47 -13.12 2.93
N ASN B 176 -5.11 -13.28 4.10
CA ASN B 176 -5.41 -14.57 4.72
C ASN B 176 -5.97 -15.58 3.74
N LYS B 177 -5.37 -16.77 3.66
CA LYS B 177 -5.87 -17.77 2.71
C LYS B 177 -6.77 -18.86 3.33
N GLU B 178 -7.02 -18.75 4.63
CA GLU B 178 -8.03 -19.54 5.31
C GLU B 178 -9.34 -18.72 5.37
N PRO B 179 -10.38 -19.16 4.64
CA PRO B 179 -11.66 -18.46 4.61
C PRO B 179 -12.30 -18.35 5.98
N LYS B 180 -12.09 -17.20 6.62
CA LYS B 180 -12.68 -16.91 7.93
C LYS B 180 -13.73 -15.81 7.81
N TRP B 181 -13.48 -14.90 6.86
CA TRP B 181 -14.32 -13.72 6.57
C TRP B 181 -15.81 -14.04 6.50
N LEU B 182 -16.12 -15.17 5.86
CA LEU B 182 -17.50 -15.59 5.64
C LEU B 182 -18.26 -15.81 6.95
N PHE B 183 -17.92 -16.88 7.65
CA PHE B 183 -18.57 -17.20 8.91
C PHE B 183 -18.44 -16.04 9.89
N GLY B 184 -17.21 -15.52 10.00
CA GLY B 184 -16.87 -14.44 10.93
C GLY B 184 -17.77 -13.22 10.86
N THR B 185 -18.04 -12.74 9.65
CA THR B 185 -18.87 -11.56 9.44
C THR B 185 -20.29 -11.72 9.98
N MET B 186 -20.88 -12.88 9.74
CA MET B 186 -22.25 -13.17 10.20
C MET B 186 -22.33 -13.18 11.73
N GLU B 187 -21.33 -13.82 12.34
CA GLU B 187 -21.15 -13.76 13.78
C GLU B 187 -21.07 -12.30 14.24
N LYS B 188 -20.17 -11.54 13.61
CA LYS B 188 -20.00 -10.10 13.87
C LYS B 188 -21.19 -9.29 13.37
N LEU B 211 -36.58 -9.23 14.65
CA LEU B 211 -37.88 -9.82 14.96
C LEU B 211 -37.77 -11.28 15.36
N SER B 212 -38.86 -12.01 15.13
CA SER B 212 -39.09 -13.37 15.62
C SER B 212 -38.20 -14.46 15.01
N TYR B 213 -37.47 -14.12 13.96
CA TYR B 213 -36.45 -15.02 13.45
C TYR B 213 -35.51 -15.32 14.62
N ASN B 214 -35.60 -16.54 15.15
CA ASN B 214 -34.66 -17.02 16.17
C ASN B 214 -33.56 -17.81 15.46
N LEU B 215 -32.35 -17.24 15.43
CA LEU B 215 -31.30 -17.75 14.53
C LEU B 215 -30.26 -18.70 15.12
N PRO B 216 -29.07 -18.19 15.52
CA PRO B 216 -27.76 -18.85 15.41
C PRO B 216 -27.75 -20.34 15.05
N LEU B 217 -28.69 -21.10 15.60
CA LEU B 217 -28.88 -22.52 15.28
C LEU B 217 -29.18 -22.77 13.79
N GLU B 218 -29.51 -21.72 13.04
CA GLU B 218 -29.62 -21.85 11.60
C GLU B 218 -28.25 -21.72 10.90
N LEU B 219 -27.40 -20.82 11.40
CA LEU B 219 -26.02 -20.68 10.88
C LEU B 219 -25.24 -21.98 11.05
N GLU B 220 -25.71 -22.81 11.99
CA GLU B 220 -25.05 -24.06 12.38
C GLU B 220 -25.20 -25.15 11.33
N ASN B 221 -26.41 -25.29 10.78
CA ASN B 221 -26.60 -26.08 9.57
C ASN B 221 -25.81 -25.42 8.45
N LEU B 222 -26.03 -24.11 8.30
CA LEU B 222 -25.45 -23.33 7.20
C LEU B 222 -23.94 -23.47 7.15
N ARG B 223 -23.30 -23.53 8.32
CA ARG B 223 -21.87 -23.81 8.36
C ARG B 223 -21.61 -25.25 7.94
N SER B 224 -22.05 -26.22 8.75
CA SER B 224 -21.81 -27.64 8.51
C SER B 224 -21.99 -28.06 7.06
N LEU B 225 -23.12 -27.66 6.47
CA LEU B 225 -23.43 -27.96 5.05
C LEU B 225 -22.35 -27.45 4.09
N LEU B 226 -22.03 -26.16 4.20
CA LEU B 226 -20.99 -25.57 3.38
C LEU B 226 -19.61 -26.07 3.80
N GLU B 227 -19.50 -26.54 5.05
CA GLU B 227 -18.26 -27.11 5.56
C GLU B 227 -17.88 -28.37 4.77
N SER B 228 -18.89 -29.07 4.25
CA SER B 228 -18.67 -30.13 3.29
C SER B 228 -18.20 -29.53 1.96
N THR B 229 -19.08 -28.74 1.32
CA THR B 229 -18.88 -28.31 -0.07
C THR B 229 -17.46 -27.86 -0.36
N PRO B 230 -16.73 -28.65 -1.15
CA PRO B 230 -15.40 -28.23 -1.58
C PRO B 230 -15.50 -27.18 -2.69
N SER B 231 -14.95 -26.00 -2.43
CA SER B 231 -14.85 -24.96 -3.44
C SER B 231 -13.49 -24.31 -3.31
N PRO B 232 -12.69 -24.35 -4.39
CA PRO B 232 -11.34 -23.81 -4.27
C PRO B 232 -11.37 -22.32 -3.90
N VAL B 233 -10.61 -21.96 -2.88
CA VAL B 233 -10.42 -20.55 -2.51
C VAL B 233 -9.79 -19.72 -3.66
N VAL B 234 -10.20 -18.46 -3.77
CA VAL B 234 -9.71 -17.49 -4.75
C VAL B 234 -9.98 -16.07 -4.28
N PHE B 235 -9.44 -15.09 -5.00
CA PHE B 235 -9.66 -13.69 -4.63
C PHE B 235 -11.02 -13.16 -5.09
N CYS B 236 -11.97 -13.11 -4.15
CA CYS B 236 -13.37 -12.85 -4.44
C CYS B 236 -13.74 -11.40 -4.26
N HIS B 237 -14.66 -10.93 -5.10
CA HIS B 237 -15.14 -9.55 -5.04
C HIS B 237 -16.02 -9.35 -3.84
N ASN B 238 -16.86 -10.35 -3.57
CA ASN B 238 -17.85 -10.34 -2.49
C ASN B 238 -18.94 -9.29 -2.63
N ASP B 239 -19.26 -8.86 -3.86
CA ASP B 239 -20.29 -7.83 -4.06
C ASP B 239 -20.59 -7.54 -5.52
N CYS B 240 -20.82 -8.59 -6.30
CA CYS B 240 -21.15 -8.45 -7.72
C CYS B 240 -22.60 -8.15 -7.97
N GLN B 241 -23.03 -6.95 -7.63
CA GLN B 241 -24.36 -6.49 -7.98
C GLN B 241 -24.26 -5.66 -9.24
N GLU B 242 -25.40 -5.44 -9.89
CA GLU B 242 -25.47 -4.54 -11.05
C GLU B 242 -24.91 -3.15 -10.69
N GLY B 243 -25.37 -2.59 -9.57
CA GLY B 243 -24.95 -1.27 -9.11
C GLY B 243 -23.55 -1.27 -8.52
N ASN B 244 -22.67 -2.07 -9.13
CA ASN B 244 -21.24 -2.17 -8.78
C ASN B 244 -20.44 -2.52 -10.03
N ILE B 245 -21.16 -2.70 -11.14
CA ILE B 245 -20.58 -3.01 -12.46
C ILE B 245 -20.84 -1.83 -13.39
N LEU B 246 -19.77 -1.24 -13.93
CA LEU B 246 -19.90 -0.06 -14.78
C LEU B 246 -19.92 -0.37 -16.27
N LEU B 247 -20.96 0.07 -16.96
CA LEU B 247 -20.97 0.07 -18.43
C LEU B 247 -20.36 1.37 -18.90
N LEU B 248 -19.04 1.35 -19.08
CA LEU B 248 -18.30 2.55 -19.42
C LEU B 248 -18.56 2.96 -20.86
N GLU B 249 -18.33 4.24 -21.15
CA GLU B 249 -18.68 4.82 -22.45
C GLU B 249 -17.67 4.48 -23.56
N GLN B 257 -15.82 -6.50 -23.83
CA GLN B 257 -15.04 -5.67 -22.93
C GLN B 257 -15.69 -4.30 -22.61
N LYS B 258 -17.02 -4.30 -22.61
CA LYS B 258 -17.83 -3.11 -22.38
C LYS B 258 -17.80 -2.58 -20.93
N LEU B 259 -17.32 -3.40 -19.99
CA LEU B 259 -17.46 -3.09 -18.56
C LEU B 259 -16.24 -3.47 -17.76
N MET B 260 -16.06 -2.78 -16.64
CA MET B 260 -15.19 -3.26 -15.58
C MET B 260 -15.85 -3.12 -14.23
N LEU B 261 -15.27 -3.77 -13.23
CA LEU B 261 -15.87 -3.88 -11.89
C LEU B 261 -15.21 -2.93 -10.90
N ILE B 262 -16.01 -2.34 -10.02
CA ILE B 262 -15.52 -1.38 -9.03
C ILE B 262 -16.05 -1.65 -7.62
N ASP B 263 -15.61 -0.84 -6.65
CA ASP B 263 -16.13 -0.87 -5.27
C ASP B 263 -15.85 -2.23 -4.60
N PHE B 264 -14.63 -2.39 -4.12
CA PHE B 264 -14.21 -3.67 -3.55
C PHE B 264 -13.95 -3.57 -2.05
N GLU B 265 -14.73 -2.72 -1.37
CA GLU B 265 -14.63 -2.57 0.07
C GLU B 265 -14.71 -3.93 0.76
N TYR B 266 -15.38 -4.88 0.11
CA TYR B 266 -15.62 -6.21 0.67
C TYR B 266 -14.72 -7.33 0.13
N SER B 267 -13.69 -6.96 -0.64
CA SER B 267 -12.90 -7.95 -1.38
C SER B 267 -11.92 -8.74 -0.52
N SER B 268 -12.44 -9.78 0.12
CA SER B 268 -11.64 -10.67 0.94
C SER B 268 -11.15 -11.85 0.07
N TYR B 269 -10.40 -12.77 0.68
CA TYR B 269 -10.28 -14.13 0.13
C TYR B 269 -11.52 -14.91 0.57
N ASN B 270 -12.08 -15.69 -0.34
CA ASN B 270 -13.29 -16.47 -0.04
C ASN B 270 -13.40 -17.72 -0.89
N TYR B 271 -14.37 -18.57 -0.55
CA TYR B 271 -14.71 -19.71 -1.37
C TYR B 271 -15.23 -19.19 -2.70
N ARG B 272 -14.75 -19.77 -3.80
CA ARG B 272 -15.18 -19.35 -5.13
C ARG B 272 -16.70 -19.43 -5.27
N GLY B 273 -17.29 -20.46 -4.68
CA GLY B 273 -18.72 -20.67 -4.71
C GLY B 273 -19.48 -19.41 -4.37
N PHE B 274 -19.04 -18.72 -3.31
CA PHE B 274 -19.71 -17.52 -2.81
C PHE B 274 -19.84 -16.40 -3.83
N ASP B 275 -18.70 -16.01 -4.42
CA ASP B 275 -18.64 -14.94 -5.42
C ASP B 275 -19.60 -15.20 -6.58
N ILE B 276 -19.41 -16.31 -7.26
CA ILE B 276 -20.25 -16.70 -8.39
C ILE B 276 -21.71 -16.80 -7.96
N GLY B 277 -21.97 -17.54 -6.89
CA GLY B 277 -23.33 -17.70 -6.37
C GLY B 277 -23.97 -16.38 -6.00
N ASN B 278 -23.22 -15.53 -5.32
CA ASN B 278 -23.69 -14.20 -4.88
C ASN B 278 -24.13 -13.34 -6.06
N HIS B 279 -23.39 -13.40 -7.15
CA HIS B 279 -23.76 -12.70 -8.37
C HIS B 279 -25.11 -13.21 -8.88
N PHE B 280 -25.33 -14.51 -8.79
CA PHE B 280 -26.55 -15.10 -9.31
C PHE B 280 -27.76 -14.63 -8.50
N CYS B 281 -27.59 -14.52 -7.19
CA CYS B 281 -28.62 -13.99 -6.32
C CYS B 281 -29.02 -12.56 -6.69
N GLU B 282 -28.11 -11.83 -7.31
CA GLU B 282 -28.34 -10.43 -7.65
C GLU B 282 -29.30 -10.19 -8.80
N TRP B 283 -29.43 -11.19 -9.68
CA TRP B 283 -30.38 -11.14 -10.77
C TRP B 283 -31.80 -10.96 -10.22
N MET B 284 -31.97 -11.32 -8.96
CA MET B 284 -33.29 -11.35 -8.34
C MET B 284 -33.68 -10.05 -7.66
N TYR B 285 -32.71 -9.16 -7.45
CA TYR B 285 -32.94 -7.95 -6.65
C TYR B 285 -32.72 -6.65 -7.39
N ASP B 286 -33.79 -5.86 -7.49
CA ASP B 286 -33.72 -4.56 -8.12
C ASP B 286 -33.57 -3.53 -7.01
N TYR B 287 -32.51 -2.73 -7.09
CA TYR B 287 -32.31 -1.59 -6.18
C TYR B 287 -32.65 -0.26 -6.86
N SER B 288 -33.74 -0.27 -7.63
CA SER B 288 -34.29 0.93 -8.26
C SER B 288 -35.52 1.34 -7.43
N TYR B 289 -36.71 1.25 -8.04
CA TYR B 289 -38.02 1.46 -7.38
C TYR B 289 -38.10 2.68 -6.45
N GLU B 290 -38.83 3.71 -6.88
CA GLU B 290 -38.92 4.98 -6.14
C GLU B 290 -39.54 4.84 -4.74
N LYS B 291 -40.64 4.08 -4.65
CA LYS B 291 -41.36 3.90 -3.39
C LYS B 291 -40.63 3.00 -2.37
N TYR B 292 -41.07 3.06 -1.12
CA TYR B 292 -40.69 2.10 -0.08
C TYR B 292 -41.22 0.72 -0.51
N PRO B 293 -40.43 -0.36 -0.28
CA PRO B 293 -39.18 -0.47 0.47
C PRO B 293 -37.92 -0.33 -0.38
N PHE B 294 -38.02 0.44 -1.48
CA PHE B 294 -36.86 0.84 -2.30
C PHE B 294 -36.33 -0.23 -3.26
N PHE B 295 -36.94 -1.43 -3.21
CA PHE B 295 -36.49 -2.57 -4.02
C PHE B 295 -37.66 -3.47 -4.45
N ARG B 296 -37.42 -4.24 -5.52
CA ARG B 296 -38.36 -5.26 -5.99
C ARG B 296 -37.62 -6.58 -6.20
N ALA B 297 -38.30 -7.70 -6.00
CA ALA B 297 -37.65 -9.02 -6.02
C ALA B 297 -38.45 -10.07 -6.78
N ASN B 298 -37.75 -11.05 -7.35
CA ASN B 298 -38.38 -12.12 -8.09
C ASN B 298 -37.52 -13.38 -8.20
N ILE B 299 -37.95 -14.44 -7.55
CA ILE B 299 -37.25 -15.73 -7.58
C ILE B 299 -37.23 -16.39 -8.95
N ARG B 300 -37.96 -15.81 -9.91
CA ARG B 300 -38.05 -16.36 -11.25
C ARG B 300 -36.98 -15.77 -12.15
N LYS B 301 -36.54 -14.55 -11.80
CA LYS B 301 -35.46 -13.86 -12.51
C LYS B 301 -34.10 -14.47 -12.16
N TYR B 302 -34.10 -15.45 -11.26
CA TYR B 302 -32.89 -16.15 -10.90
C TYR B 302 -32.42 -16.95 -12.12
N PRO B 303 -31.10 -16.97 -12.39
CA PRO B 303 -30.58 -17.63 -13.58
C PRO B 303 -30.91 -19.11 -13.65
N THR B 304 -31.33 -19.54 -14.84
CA THR B 304 -31.72 -20.93 -15.06
C THR B 304 -30.48 -21.81 -15.13
N LYS B 305 -30.69 -23.11 -15.35
CA LYS B 305 -29.59 -24.05 -15.57
C LYS B 305 -28.78 -23.60 -16.79
N LYS B 306 -29.48 -23.35 -17.89
CA LYS B 306 -28.85 -22.93 -19.13
C LYS B 306 -28.06 -21.64 -18.97
N GLN B 307 -28.68 -20.62 -18.38
CA GLN B 307 -28.09 -19.26 -18.20
C GLN B 307 -26.82 -19.25 -17.34
N GLN B 308 -26.90 -19.85 -16.16
CA GLN B 308 -25.78 -19.87 -15.25
C GLN B 308 -24.65 -20.76 -15.77
N LEU B 309 -24.95 -21.49 -16.83
CA LEU B 309 -23.98 -22.40 -17.46
C LEU B 309 -23.23 -21.70 -18.60
N HIS B 310 -23.95 -21.00 -19.47
CA HIS B 310 -23.30 -20.15 -20.44
C HIS B 310 -22.39 -19.18 -19.72
N PHE B 311 -22.72 -18.91 -18.44
CA PHE B 311 -21.88 -18.09 -17.56
C PHE B 311 -20.65 -18.87 -17.16
N ILE B 312 -20.82 -20.01 -16.51
CA ILE B 312 -19.67 -20.73 -15.95
C ILE B 312 -18.77 -21.38 -17.01
N SER B 313 -19.21 -21.37 -18.28
CA SER B 313 -18.38 -21.83 -19.40
C SER B 313 -17.60 -20.69 -20.04
N SER B 314 -17.85 -19.47 -19.58
CA SER B 314 -17.04 -18.33 -19.96
C SER B 314 -15.96 -18.11 -18.90
N TYR B 315 -16.29 -18.44 -17.66
CA TYR B 315 -15.44 -18.17 -16.50
C TYR B 315 -14.25 -19.11 -16.44
N LEU B 316 -14.48 -20.36 -16.83
CA LEU B 316 -13.45 -21.39 -16.75
C LEU B 316 -12.30 -21.21 -17.74
N PRO B 317 -12.60 -20.83 -19.01
CA PRO B 317 -11.53 -20.42 -19.93
C PRO B 317 -10.70 -19.27 -19.36
N ALA B 318 -11.36 -18.20 -18.91
CA ALA B 318 -10.67 -17.07 -18.32
C ALA B 318 -10.14 -17.40 -16.91
N PHE B 319 -10.01 -18.68 -16.61
CA PHE B 319 -9.40 -19.14 -15.37
C PHE B 319 -8.57 -20.40 -15.62
N GLN B 320 -9.17 -21.57 -15.37
CA GLN B 320 -8.54 -22.89 -15.59
C GLN B 320 -7.09 -22.96 -15.15
N PHE B 323 -4.56 -24.88 -19.19
CA PHE B 323 -5.15 -25.05 -20.52
C PHE B 323 -6.53 -25.73 -20.49
N GLU B 324 -7.54 -25.02 -21.01
CA GLU B 324 -8.90 -25.57 -21.11
C GLU B 324 -9.12 -26.28 -22.45
N ASN B 325 -8.20 -27.18 -22.78
CA ASN B 325 -8.32 -28.07 -23.94
C ASN B 325 -9.01 -29.34 -23.49
N LEU B 326 -8.93 -29.63 -22.19
CA LEU B 326 -9.43 -30.87 -21.56
C LEU B 326 -10.73 -31.40 -22.17
N SER B 327 -10.78 -32.72 -22.35
CA SER B 327 -11.92 -33.42 -22.96
C SER B 327 -13.27 -32.78 -22.60
N THR B 328 -14.22 -32.80 -23.55
CA THR B 328 -15.56 -32.26 -23.29
C THR B 328 -16.20 -32.91 -22.05
N GLU B 329 -15.92 -34.21 -21.87
CA GLU B 329 -16.38 -34.97 -20.71
C GLU B 329 -15.74 -34.51 -19.39
N GLU B 330 -14.50 -34.03 -19.46
CA GLU B 330 -13.80 -33.51 -18.27
C GLU B 330 -14.28 -32.11 -17.94
N LYS B 331 -14.74 -31.40 -18.97
CA LYS B 331 -15.31 -30.07 -18.83
C LYS B 331 -16.70 -30.14 -18.21
N SER B 332 -17.51 -31.12 -18.62
CA SER B 332 -18.83 -31.32 -18.03
C SER B 332 -18.74 -31.61 -16.54
N ILE B 333 -17.82 -32.51 -16.17
CA ILE B 333 -17.59 -32.84 -14.76
C ILE B 333 -17.15 -31.60 -14.02
N ILE B 334 -16.33 -30.77 -14.66
CA ILE B 334 -15.95 -29.46 -14.10
C ILE B 334 -17.17 -28.55 -13.93
N LYS B 335 -18.07 -28.55 -14.92
CA LYS B 335 -19.29 -27.74 -14.86
C LYS B 335 -20.21 -28.26 -13.78
N GLU B 336 -20.69 -29.50 -13.95
CA GLU B 336 -21.55 -30.15 -12.97
C GLU B 336 -21.01 -29.93 -11.56
N GLU B 337 -19.74 -30.29 -11.38
CA GLU B 337 -19.01 -30.03 -10.12
C GLU B 337 -19.38 -28.69 -9.52
N MET B 338 -19.11 -27.64 -10.29
CA MET B 338 -19.20 -26.23 -9.87
C MET B 338 -20.62 -25.75 -9.53
N LEU B 339 -21.62 -26.25 -10.28
CA LEU B 339 -23.04 -26.00 -9.99
C LEU B 339 -23.43 -26.28 -8.56
N LEU B 340 -23.10 -27.49 -8.08
CA LEU B 340 -23.36 -27.85 -6.69
C LEU B 340 -22.79 -26.77 -5.78
N GLU B 341 -21.51 -26.47 -5.98
CA GLU B 341 -20.79 -25.46 -5.21
C GLU B 341 -21.39 -24.06 -5.35
N VAL B 342 -21.54 -23.62 -6.59
CA VAL B 342 -22.14 -22.33 -6.89
C VAL B 342 -23.49 -22.15 -6.18
N ASN B 343 -24.40 -23.09 -6.39
CA ASN B 343 -25.77 -22.92 -5.91
C ASN B 343 -25.96 -23.11 -4.43
N ARG B 344 -25.22 -24.05 -3.84
CA ARG B 344 -25.27 -24.25 -2.38
C ARG B 344 -24.65 -23.06 -1.65
N PHE B 345 -23.55 -22.55 -2.21
CA PHE B 345 -22.88 -21.34 -1.68
C PHE B 345 -23.66 -20.05 -1.94
N ALA B 346 -24.77 -20.18 -2.65
CA ALA B 346 -25.70 -19.07 -2.83
C ALA B 346 -26.55 -18.88 -1.58
N LEU B 347 -26.63 -19.91 -0.75
CA LEU B 347 -27.28 -19.79 0.56
C LEU B 347 -26.48 -18.87 1.45
N ALA B 348 -25.16 -18.95 1.33
CA ALA B 348 -24.26 -18.02 2.02
C ALA B 348 -24.60 -16.58 1.64
N SER B 349 -24.78 -16.35 0.34
CA SER B 349 -25.20 -15.05 -0.18
C SER B 349 -26.42 -14.50 0.56
N HIS B 350 -27.56 -15.16 0.35
CA HIS B 350 -28.80 -14.80 1.05
C HIS B 350 -28.56 -14.47 2.53
N PHE B 351 -28.12 -15.47 3.29
CA PHE B 351 -28.06 -15.39 4.74
C PHE B 351 -27.27 -14.17 5.20
N LEU B 352 -25.97 -14.18 4.93
CA LEU B 352 -25.07 -13.06 5.23
C LEU B 352 -25.69 -11.71 4.91
N TRP B 353 -26.44 -11.64 3.80
CA TRP B 353 -27.12 -10.39 3.43
C TRP B 353 -28.30 -10.05 4.34
N GLY B 354 -28.15 -10.39 5.62
CA GLY B 354 -28.88 -9.75 6.71
C GLY B 354 -27.98 -8.66 7.32
N LEU B 355 -27.52 -7.75 6.45
CA LEU B 355 -26.81 -6.52 6.82
C LEU B 355 -27.56 -5.86 7.99
N TRP B 356 -26.81 -5.47 9.02
CA TRP B 356 -27.34 -5.12 10.36
C TRP B 356 -28.56 -4.18 10.38
N ALA B 374 -38.16 -6.15 6.86
CA ALA B 374 -37.18 -5.47 6.04
C ALA B 374 -36.80 -6.33 4.82
N GLN B 375 -35.51 -6.65 4.70
CA GLN B 375 -35.01 -7.43 3.57
C GLN B 375 -35.03 -8.92 3.88
N ALA B 376 -36.20 -9.53 3.66
CA ALA B 376 -36.37 -10.99 3.72
C ALA B 376 -35.60 -11.68 2.58
N ARG B 377 -34.28 -11.68 2.72
CA ARG B 377 -33.39 -12.50 1.91
C ARG B 377 -33.44 -13.91 2.45
N PHE B 378 -33.94 -14.05 3.67
CA PHE B 378 -34.10 -15.34 4.31
C PHE B 378 -35.18 -16.16 3.63
N ASP B 379 -36.33 -15.55 3.37
CA ASP B 379 -37.43 -16.24 2.67
C ASP B 379 -36.90 -17.04 1.47
N ALA B 380 -35.91 -16.48 0.78
CA ALA B 380 -35.26 -17.13 -0.35
C ALA B 380 -34.26 -18.20 0.10
N TYR B 381 -33.47 -17.89 1.14
CA TYR B 381 -32.53 -18.86 1.69
C TYR B 381 -33.24 -20.15 2.11
N PHE B 382 -34.42 -20.02 2.69
CA PHE B 382 -35.24 -21.18 3.07
C PHE B 382 -35.80 -21.85 1.85
N HIS B 383 -36.02 -21.05 0.79
CA HIS B 383 -36.54 -21.59 -0.46
C HIS B 383 -35.51 -22.49 -1.10
N GLN B 384 -34.36 -21.92 -1.47
CA GLN B 384 -33.27 -22.72 -2.05
C GLN B 384 -32.78 -23.81 -1.07
N LYS B 385 -33.36 -23.84 0.13
CA LYS B 385 -33.10 -24.93 1.07
C LYS B 385 -33.96 -26.14 0.72
N ARG B 386 -35.22 -25.90 0.40
CA ARG B 386 -36.11 -26.94 -0.12
C ARG B 386 -35.65 -27.37 -1.51
N LYS B 387 -35.49 -26.39 -2.40
CA LYS B 387 -35.10 -26.63 -3.80
C LYS B 387 -33.80 -27.42 -3.96
N LEU B 388 -33.03 -27.54 -2.89
CA LEU B 388 -31.68 -28.09 -2.98
C LEU B 388 -31.57 -29.53 -2.54
N GLY B 389 -32.50 -29.97 -1.70
CA GLY B 389 -32.46 -31.33 -1.15
C GLY B 389 -32.11 -31.32 0.33
N VAL B 390 -31.19 -30.44 0.73
CA VAL B 390 -30.77 -30.28 2.12
C VAL B 390 -31.76 -29.46 2.94
PB ADP C . 15.08 -3.03 10.70
O1B ADP C . 15.67 -2.56 12.01
O2B ADP C . 14.32 -1.93 9.97
O3B ADP C . 14.35 -4.35 10.83
PA ADP C . 16.34 -3.66 8.17
O1A ADP C . 17.08 -2.51 7.53
O2A ADP C . 14.94 -3.99 7.72
O3A ADP C . 16.35 -3.41 9.77
O5' ADP C . 17.22 -5.02 8.02
C5' ADP C . 18.39 -5.13 7.20
C4' ADP C . 18.98 -6.55 7.30
O4' ADP C . 17.94 -7.53 7.24
C3' ADP C . 19.94 -6.86 6.16
O3' ADP C . 21.26 -7.21 6.65
C2' ADP C . 19.33 -8.00 5.37
O2' ADP C . 20.19 -9.13 5.30
C1' ADP C . 18.06 -8.39 6.10
N9 ADP C . 16.90 -8.30 5.18
C8 ADP C . 16.06 -7.26 5.05
N7 ADP C . 15.10 -7.50 4.11
C5 ADP C . 15.33 -8.73 3.60
C6 ADP C . 14.71 -9.61 2.56
N6 ADP C . 13.61 -9.26 1.84
N1 ADP C . 15.27 -10.81 2.34
C2 ADP C . 16.36 -11.22 3.04
N3 ADP C . 16.98 -10.47 3.98
C4 ADP C . 16.52 -9.24 4.31
#